data_9G13
#
_entry.id   9G13
#
_cell.length_a   70.394
_cell.length_b   76.346
_cell.length_c   95.565
_cell.angle_alpha   90.000
_cell.angle_beta   90.000
_cell.angle_gamma   90.000
#
_symmetry.space_group_name_H-M   'P 21 21 21'
#
loop_
_entity.id
_entity.type
_entity.pdbx_description
1 polymer 'VHH H3-2'
2 polymer 'Isoform Tau-F of Microtubule-associated protein tau'
3 water water
#
loop_
_entity_poly.entity_id
_entity_poly.type
_entity_poly.pdbx_seq_one_letter_code
_entity_poly.pdbx_strand_id
1 'polypeptide(L)'
;GAMAEVQLQASGGGFVQPGGSLRLSCAASGYTSGDEIMGWFRQAPGKEREFVSAISWQSGTSTYYADSVKGRFTISRDNS
KNTVYLQMNSLRAEDTATYYCAPMTLAETYYEWLISGYWGQGTQVTVSSAAA
;
A,E,C,G
2 'polypeptide(L)' KKIETHKLTFREN B,F,D,H
#
# COMPACT_ATOMS: atom_id res chain seq x y z
N GLN A 7 -5.22 34.85 15.57
CA GLN A 7 -5.75 34.80 14.16
C GLN A 7 -4.98 33.72 13.40
N LEU A 8 -5.70 32.88 12.60
CA LEU A 8 -5.12 31.70 11.95
C LEU A 8 -5.36 31.79 10.45
N GLN A 9 -4.33 31.57 9.67
CA GLN A 9 -4.45 31.76 8.24
C GLN A 9 -4.09 30.45 7.58
N ALA A 10 -5.03 29.89 6.81
CA ALA A 10 -4.72 28.79 5.93
C ALA A 10 -4.28 29.41 4.63
N SER A 11 -3.30 28.79 4.00
CA SER A 11 -2.77 29.18 2.73
C SER A 11 -2.26 27.94 1.99
N GLY A 12 -1.95 28.11 0.69
CA GLY A 12 -1.33 27.10 -0.15
C GLY A 12 -2.27 26.37 -1.11
N GLY A 13 -3.51 26.81 -1.16
CA GLY A 13 -4.50 26.24 -2.03
C GLY A 13 -4.31 26.77 -3.44
N GLY A 14 -4.94 26.13 -4.37
CA GLY A 14 -4.80 26.52 -5.75
C GLY A 14 -5.64 25.67 -6.65
N PHE A 15 -5.45 25.86 -7.96
CA PHE A 15 -5.99 24.96 -8.96
C PHE A 15 -4.96 23.86 -9.21
N VAL A 16 -5.42 22.62 -9.37
CA VAL A 16 -4.58 21.46 -9.48
C VAL A 16 -5.30 20.39 -10.31
N GLN A 17 -4.56 19.72 -11.17
CA GLN A 17 -5.06 18.58 -11.89
C GLN A 17 -5.30 17.38 -11.00
N PRO A 18 -6.29 16.57 -11.33
CA PRO A 18 -6.48 15.28 -10.68
C PRO A 18 -5.17 14.51 -10.69
N GLY A 19 -4.93 13.89 -9.56
CA GLY A 19 -3.71 13.20 -9.29
C GLY A 19 -2.56 14.07 -8.77
N GLY A 20 -2.69 15.40 -8.86
CA GLY A 20 -1.68 16.31 -8.33
C GLY A 20 -1.75 16.49 -6.84
N SER A 21 -0.89 17.43 -6.33
CA SER A 21 -0.72 17.62 -4.92
C SER A 21 -0.79 19.11 -4.61
N LEU A 22 -1.08 19.39 -3.34
CA LEU A 22 -1.00 20.75 -2.80
C LEU A 22 -0.46 20.62 -1.43
N ARG A 23 0.25 21.63 -0.94
CA ARG A 23 0.60 21.64 0.47
C ARG A 23 0.05 22.88 1.15
N LEU A 24 -0.87 22.65 2.11
CA LEU A 24 -1.48 23.74 2.87
C LEU A 24 -0.64 24.04 4.12
N SER A 25 -0.66 25.32 4.54
CA SER A 25 0.08 25.80 5.69
C SER A 25 -0.95 26.43 6.59
N CYS A 26 -0.78 26.26 7.86
CA CYS A 26 -1.60 26.92 8.84
C CYS A 26 -0.70 27.56 9.88
N ALA A 27 -0.68 28.88 9.87
CA ALA A 27 0.27 29.57 10.73
C ALA A 27 -0.53 30.36 11.74
N ALA A 28 -0.08 30.26 13.00
CA ALA A 28 -0.69 30.90 14.17
C ALA A 28 -0.04 32.26 14.45
N SER A 29 -0.17 32.76 15.69
CA SER A 29 0.66 33.86 16.17
C SER A 29 1.29 33.54 17.53
N GLY A 30 1.08 32.31 18.07
CA GLY A 30 1.71 31.88 19.31
C GLY A 30 0.73 31.84 20.48
N TYR A 31 -0.16 30.83 20.49
CA TYR A 31 -1.17 30.67 21.52
C TYR A 31 -1.38 29.19 21.81
N THR A 32 -0.34 28.51 22.33
CA THR A 32 -0.49 27.12 22.76
C THR A 32 -1.32 27.12 24.05
N SER A 33 -2.54 26.57 24.01
CA SER A 33 -3.47 26.64 25.14
C SER A 33 -4.54 25.54 25.05
N GLY A 34 -5.79 25.93 24.69
CA GLY A 34 -6.94 25.04 24.69
C GLY A 34 -6.73 23.75 23.89
N ASP A 35 -6.13 22.74 24.56
CA ASP A 35 -5.74 21.44 24.01
C ASP A 35 -4.92 21.66 22.74
N GLU A 36 -3.59 21.46 22.83
CA GLU A 36 -2.69 21.71 21.71
C GLU A 36 -2.99 20.71 20.59
N ILE A 37 -4.24 20.71 20.08
CA ILE A 37 -4.58 20.06 18.83
C ILE A 37 -4.93 21.12 17.77
N MET A 38 -4.32 21.03 16.61
CA MET A 38 -4.69 21.87 15.47
C MET A 38 -5.35 20.96 14.44
N GLY A 39 -6.42 21.41 13.79
CA GLY A 39 -6.96 20.54 12.78
C GLY A 39 -7.38 21.30 11.52
N TRP A 40 -7.75 20.52 10.53
CA TRP A 40 -8.18 21.04 9.23
C TRP A 40 -9.59 20.51 9.01
N PHE A 41 -10.47 21.35 8.47
CA PHE A 41 -11.76 20.93 7.99
C PHE A 41 -12.02 21.64 6.64
N ARG A 42 -13.00 21.10 5.88
CA ARG A 42 -13.23 21.62 4.54
C ARG A 42 -14.75 21.73 4.39
N GLN A 43 -15.09 22.61 3.44
CA GLN A 43 -16.48 22.77 3.05
C GLN A 43 -16.62 23.06 1.55
N ALA A 44 -17.34 22.16 0.95
CA ALA A 44 -17.61 22.11 -0.52
C ALA A 44 -19.06 22.45 -0.76
N PRO A 45 -19.43 23.04 -1.92
CA PRO A 45 -20.84 23.43 -2.13
C PRO A 45 -21.83 22.29 -2.06
N GLY A 46 -22.88 22.51 -1.26
CA GLY A 46 -23.92 21.55 -1.07
C GLY A 46 -23.56 20.46 -0.07
N LYS A 47 -22.37 20.56 0.59
CA LYS A 47 -22.02 19.54 1.58
C LYS A 47 -21.82 20.17 2.96
N GLU A 48 -21.94 19.31 3.98
CA GLU A 48 -21.67 19.72 5.34
C GLU A 48 -20.14 19.84 5.53
N ARG A 49 -19.75 20.76 6.42
CA ARG A 49 -18.34 20.87 6.85
C ARG A 49 -17.90 19.50 7.27
N GLU A 50 -16.70 19.09 6.81
CA GLU A 50 -16.18 17.76 6.99
C GLU A 50 -14.81 17.90 7.70
N PHE A 51 -14.55 17.13 8.80
CA PHE A 51 -13.19 16.98 9.34
C PHE A 51 -12.32 16.33 8.27
N VAL A 52 -11.06 16.81 8.16
CA VAL A 52 -10.08 16.27 7.27
C VAL A 52 -8.94 15.61 8.08
N SER A 53 -8.29 16.36 8.96
CA SER A 53 -7.10 15.85 9.66
C SER A 53 -6.83 16.67 10.92
N ALA A 54 -6.18 16.10 11.93
CA ALA A 54 -5.74 16.83 13.11
C ALA A 54 -4.38 16.23 13.57
N ILE A 55 -3.69 17.13 14.31
CA ILE A 55 -2.39 16.78 14.91
C ILE A 55 -2.34 17.34 16.33
N SER A 56 -1.87 16.47 17.24
CA SER A 56 -1.62 16.84 18.60
C SER A 56 -0.13 16.62 18.81
N TRP A 57 0.52 17.60 19.43
CA TRP A 57 1.91 17.42 19.80
C TRP A 57 2.09 17.63 21.31
N GLN A 58 1.12 17.06 22.05
CA GLN A 58 0.95 17.20 23.50
C GLN A 58 1.66 16.02 24.20
N SER A 59 1.12 14.80 24.00
CA SER A 59 1.65 13.57 24.55
C SER A 59 2.38 12.79 23.46
N GLY A 60 3.45 13.38 22.91
CA GLY A 60 4.03 12.93 21.65
C GLY A 60 3.19 13.42 20.45
N THR A 61 3.47 12.88 19.26
CA THR A 61 2.78 13.29 18.05
C THR A 61 1.70 12.28 17.77
N SER A 62 0.44 12.74 17.72
CA SER A 62 -0.70 11.90 17.41
C SER A 62 -1.35 12.50 16.15
N THR A 63 -1.66 11.71 15.11
CA THR A 63 -2.28 12.28 13.89
C THR A 63 -3.59 11.60 13.65
N TYR A 64 -4.54 12.33 13.01
CA TYR A 64 -5.84 11.76 12.75
C TYR A 64 -6.28 12.15 11.34
N TYR A 65 -7.06 11.28 10.73
CA TYR A 65 -7.48 11.55 9.38
C TYR A 65 -8.89 11.05 9.16
N ALA A 66 -9.62 11.77 8.28
CA ALA A 66 -10.88 11.21 7.75
C ALA A 66 -10.53 10.02 6.91
N ASP A 67 -11.43 9.01 6.87
CA ASP A 67 -11.19 7.86 6.05
C ASP A 67 -10.94 8.15 4.55
N SER A 68 -11.59 9.11 4.05
CA SER A 68 -11.39 9.34 2.61
C SER A 68 -10.06 9.96 2.19
N VAL A 69 -9.28 10.44 3.16
CA VAL A 69 -7.96 10.97 2.78
C VAL A 69 -6.83 10.17 3.38
N LYS A 70 -7.14 9.09 4.10
CA LYS A 70 -6.08 8.29 4.67
C LYS A 70 -5.19 7.74 3.57
N GLY A 71 -3.90 7.79 3.80
CA GLY A 71 -2.95 7.29 2.83
C GLY A 71 -2.59 8.31 1.74
N ARG A 72 -3.34 9.40 1.61
CA ARG A 72 -3.12 10.39 0.55
C ARG A 72 -2.60 11.68 1.22
N PHE A 73 -3.16 12.01 2.38
CA PHE A 73 -2.86 13.28 3.05
C PHE A 73 -1.98 12.97 4.27
N THR A 74 -1.01 13.86 4.53
CA THR A 74 -0.15 13.78 5.72
C THR A 74 -0.05 15.12 6.43
N ILE A 75 -0.38 15.14 7.71
CA ILE A 75 -0.33 16.33 8.54
C ILE A 75 1.00 16.34 9.32
N SER A 76 1.60 17.49 9.44
CA SER A 76 2.82 17.62 10.23
C SER A 76 2.91 18.99 10.85
N ARG A 77 3.89 19.15 11.78
CA ARG A 77 4.10 20.40 12.45
C ARG A 77 5.60 20.70 12.51
N ASP A 78 5.93 21.92 12.17
CA ASP A 78 7.29 22.46 12.32
C ASP A 78 7.31 23.31 13.60
N ASN A 79 7.91 22.76 14.65
CA ASN A 79 7.87 23.41 15.94
C ASN A 79 8.56 24.77 15.92
N SER A 80 9.73 24.86 15.31
CA SER A 80 10.42 26.13 15.14
C SER A 80 9.43 27.19 14.68
N LYS A 81 8.71 26.91 13.60
CA LYS A 81 7.96 27.94 12.90
C LYS A 81 6.54 28.10 13.44
N ASN A 82 6.13 27.27 14.40
CA ASN A 82 4.77 27.28 14.88
C ASN A 82 3.76 27.10 13.72
N THR A 83 4.14 26.22 12.77
CA THR A 83 3.31 26.06 11.57
C THR A 83 2.86 24.61 11.44
N VAL A 84 1.58 24.43 11.05
CA VAL A 84 1.10 23.10 10.73
C VAL A 84 0.90 22.97 9.20
N TYR A 85 1.32 21.83 8.63
CA TYR A 85 1.23 21.60 7.19
C TYR A 85 0.27 20.42 6.91
N LEU A 86 -0.46 20.51 5.80
CA LEU A 86 -1.21 19.38 5.28
C LEU A 86 -0.75 19.12 3.87
N GLN A 87 0.01 18.03 3.67
CA GLN A 87 0.42 17.66 2.32
C GLN A 87 -0.66 16.75 1.75
N MET A 88 -1.20 17.22 0.62
CA MET A 88 -2.39 16.60 0.03
C MET A 88 -1.94 15.99 -1.29
N ASN A 89 -1.94 14.66 -1.39
CA ASN A 89 -1.51 13.97 -2.61
C ASN A 89 -2.71 13.26 -3.25
N SER A 90 -2.54 12.88 -4.53
CA SER A 90 -3.47 12.04 -5.26
C SER A 90 -4.86 12.71 -5.25
N LEU A 91 -4.93 14.03 -5.56
CA LEU A 91 -6.12 14.81 -5.37
C LEU A 91 -7.17 14.37 -6.40
N ARG A 92 -8.41 14.41 -5.97
CA ARG A 92 -9.51 14.02 -6.84
C ARG A 92 -10.63 15.04 -6.73
N ALA A 93 -11.60 14.99 -7.67
CA ALA A 93 -12.62 16.04 -7.70
C ALA A 93 -13.35 16.21 -6.37
N GLU A 94 -13.54 15.14 -5.60
CA GLU A 94 -14.19 15.25 -4.31
C GLU A 94 -13.39 15.99 -3.25
N ASP A 95 -12.14 16.26 -3.55
CA ASP A 95 -11.31 17.11 -2.70
C ASP A 95 -11.50 18.62 -2.87
N THR A 96 -12.24 19.06 -3.91
CA THR A 96 -12.48 20.44 -4.18
C THR A 96 -13.34 21.00 -3.02
N ALA A 97 -12.86 22.06 -2.38
CA ALA A 97 -13.43 22.67 -1.17
C ALA A 97 -12.61 23.86 -0.77
N THR A 98 -13.20 24.66 0.15
CA THR A 98 -12.47 25.60 0.94
C THR A 98 -11.93 24.85 2.20
N TYR A 99 -10.64 24.98 2.49
CA TYR A 99 -10.02 24.31 3.65
C TYR A 99 -9.73 25.38 4.66
N TYR A 100 -9.92 25.07 5.95
CA TYR A 100 -9.78 25.88 7.11
C TYR A 100 -8.95 25.09 8.13
N CYS A 101 -8.14 25.84 8.88
CA CYS A 101 -7.50 25.27 10.05
C CYS A 101 -8.04 25.96 11.30
N ALA A 102 -8.06 25.19 12.38
CA ALA A 102 -8.63 25.68 13.63
C ALA A 102 -8.07 24.83 14.76
N PRO A 103 -7.90 25.43 15.95
CA PRO A 103 -7.70 24.59 17.11
C PRO A 103 -8.95 23.74 17.37
N MET A 104 -8.73 22.51 17.84
CA MET A 104 -9.82 21.59 18.10
C MET A 104 -9.54 20.89 19.44
N THR A 105 -10.62 20.47 20.11
CA THR A 105 -10.45 19.58 21.29
C THR A 105 -11.09 18.24 20.96
N LEU A 106 -10.40 17.14 21.29
CA LEU A 106 -10.98 15.82 21.14
C LEU A 106 -11.79 15.53 22.39
N ALA A 107 -13.11 15.69 22.32
CA ALA A 107 -13.97 15.60 23.48
C ALA A 107 -14.15 14.15 23.98
N GLU A 108 -14.33 13.24 23.04
CA GLU A 108 -14.71 11.87 23.31
C GLU A 108 -14.47 11.00 22.11
N THR A 109 -14.11 9.73 22.39
CA THR A 109 -13.93 8.68 21.42
C THR A 109 -14.82 7.50 21.85
N TYR A 110 -15.59 6.94 20.91
CA TYR A 110 -16.47 5.77 21.12
C TYR A 110 -15.96 4.67 20.21
N TYR A 111 -15.58 3.54 20.82
CA TYR A 111 -15.12 2.38 20.15
C TYR A 111 -16.15 1.28 20.24
N GLU A 112 -16.25 0.50 19.18
CA GLU A 112 -17.31 -0.46 18.95
C GLU A 112 -16.60 -1.73 18.58
N TRP A 113 -16.51 -2.63 19.55
CA TRP A 113 -15.80 -3.86 19.39
C TRP A 113 -16.75 -5.01 19.07
N LEU A 114 -16.43 -5.83 18.08
CA LEU A 114 -17.20 -7.02 17.72
C LEU A 114 -16.53 -8.31 18.18
N ILE A 115 -17.33 -9.22 18.76
CA ILE A 115 -16.82 -10.56 19.06
C ILE A 115 -17.63 -11.67 18.34
N SER A 116 -16.99 -12.75 17.83
CA SER A 116 -17.64 -13.98 17.37
C SER A 116 -16.97 -15.22 17.91
N GLY A 117 -17.76 -16.20 18.35
CA GLY A 117 -17.27 -17.56 18.57
C GLY A 117 -17.12 -17.91 20.04
N TYR A 118 -17.16 -19.22 20.36
CA TYR A 118 -16.87 -19.72 21.70
C TYR A 118 -15.36 -19.74 21.81
N TRP A 119 -14.81 -19.35 22.95
CA TRP A 119 -13.36 -19.22 22.96
C TRP A 119 -12.70 -20.08 24.03
N GLY A 120 -13.20 -19.95 25.25
CA GLY A 120 -12.41 -20.47 26.34
C GLY A 120 -13.10 -20.20 27.65
N GLN A 121 -12.66 -20.94 28.65
CA GLN A 121 -13.15 -20.55 29.93
C GLN A 121 -12.54 -19.17 30.16
N GLY A 122 -13.24 -18.54 31.07
CA GLY A 122 -12.80 -17.34 31.73
C GLY A 122 -12.08 -17.73 33.00
N THR A 123 -11.48 -16.72 33.63
CA THR A 123 -10.78 -16.91 34.91
C THR A 123 -11.32 -15.90 35.92
N GLN A 124 -11.59 -16.34 37.14
CA GLN A 124 -12.31 -15.58 38.13
C GLN A 124 -11.29 -14.73 38.93
N VAL A 125 -11.60 -13.43 39.03
CA VAL A 125 -10.81 -12.50 39.81
C VAL A 125 -11.67 -11.92 40.93
N THR A 126 -11.23 -12.03 42.21
CA THR A 126 -11.93 -11.44 43.34
C THR A 126 -10.96 -10.57 44.10
N VAL A 127 -11.34 -9.33 44.34
CA VAL A 127 -10.55 -8.34 45.05
C VAL A 127 -11.31 -7.95 46.26
N SER A 128 -10.85 -8.39 47.45
CA SER A 128 -11.52 -7.96 48.67
C SER A 128 -10.58 -8.06 49.89
N SER A 129 -10.91 -7.24 50.87
CA SER A 129 -10.11 -7.22 52.10
C SER A 129 -10.24 -8.51 52.91
N ALA A 130 -11.12 -9.40 52.46
CA ALA A 130 -11.22 -10.69 53.14
C ALA A 130 -10.21 -11.69 52.62
N ALA A 131 -9.49 -11.38 51.50
CA ALA A 131 -8.55 -12.31 50.95
C ALA A 131 -7.44 -12.58 51.99
N ALA A 132 -7.07 -13.87 52.16
CA ALA A 132 -6.05 -14.23 53.14
C ALA A 132 -5.38 -15.58 52.81
N LYS B 1 -9.27 14.99 30.49
CA LYS B 1 -10.24 15.64 29.57
C LYS B 1 -10.86 14.59 28.62
N LYS B 2 -10.09 14.06 27.66
CA LYS B 2 -10.53 13.10 26.66
C LYS B 2 -11.19 11.89 27.35
N ILE B 3 -12.43 11.58 27.00
CA ILE B 3 -13.19 10.46 27.51
C ILE B 3 -13.19 9.42 26.40
N GLU B 4 -13.04 8.16 26.79
CA GLU B 4 -13.21 7.05 25.91
C GLU B 4 -14.35 6.16 26.40
N THR B 5 -15.11 5.64 25.43
CA THR B 5 -16.15 4.65 25.71
C THR B 5 -15.91 3.44 24.82
N HIS B 6 -15.97 2.21 25.38
CA HIS B 6 -15.64 1.05 24.61
C HIS B 6 -16.87 0.14 24.73
N LYS B 7 -17.46 -0.20 23.58
CA LYS B 7 -18.75 -0.89 23.54
C LYS B 7 -18.47 -2.27 23.01
N LEU B 8 -19.09 -3.34 23.61
CA LEU B 8 -19.03 -4.67 23.07
C LEU B 8 -20.33 -4.99 22.33
N THR B 9 -20.13 -5.66 21.20
CA THR B 9 -21.20 -6.26 20.39
C THR B 9 -20.81 -7.68 20.04
N PHE B 10 -21.70 -8.62 20.42
CA PHE B 10 -21.45 -10.04 20.20
C PHE B 10 -22.35 -10.51 19.06
N ARG B 11 -21.76 -11.07 18.01
CA ARG B 11 -22.48 -11.33 16.78
C ARG B 11 -22.00 -12.66 16.21
N GLU B 12 -22.75 -13.21 15.24
CA GLU B 12 -22.35 -14.33 14.41
C GLU B 12 -21.71 -13.77 13.12
N VAL C 6 11.03 17.10 -33.47
CA VAL C 6 10.25 17.16 -32.19
C VAL C 6 11.02 17.99 -31.15
N GLN C 7 10.30 18.91 -30.50
CA GLN C 7 10.88 19.71 -29.42
C GLN C 7 10.13 19.39 -28.12
N LEU C 8 10.91 19.25 -27.02
CA LEU C 8 10.37 18.98 -25.69
C LEU C 8 10.76 20.11 -24.74
N GLN C 9 9.86 20.45 -23.80
CA GLN C 9 10.24 21.39 -22.76
C GLN C 9 9.94 20.80 -21.37
N ALA C 10 10.95 20.84 -20.49
CA ALA C 10 10.85 20.32 -19.14
C ALA C 10 10.52 21.45 -18.18
N SER C 11 9.55 21.30 -17.26
CA SER C 11 9.38 22.33 -16.25
C SER C 11 8.80 21.70 -14.99
N GLY C 12 8.68 22.50 -13.90
CA GLY C 12 8.00 22.00 -12.72
C GLY C 12 8.92 21.68 -11.54
N GLY C 13 10.24 21.80 -11.68
CA GLY C 13 11.16 21.60 -10.58
C GLY C 13 11.02 22.67 -9.49
N GLY C 14 11.71 22.50 -8.38
CA GLY C 14 11.62 23.42 -7.25
C GLY C 14 12.48 22.93 -6.11
N PHE C 15 12.23 23.54 -4.99
CA PHE C 15 13.07 23.43 -3.80
C PHE C 15 12.01 23.15 -2.74
N VAL C 16 11.95 21.92 -2.24
CA VAL C 16 10.94 21.51 -1.27
C VAL C 16 11.53 20.72 -0.11
N GLN C 17 10.75 20.63 0.98
CA GLN C 17 11.14 19.85 2.13
C GLN C 17 10.95 18.35 1.87
N PRO C 18 11.67 17.51 2.57
CA PRO C 18 11.43 16.08 2.50
C PRO C 18 9.96 15.80 2.89
N GLY C 19 9.35 14.92 2.15
CA GLY C 19 7.94 14.59 2.36
C GLY C 19 7.05 15.40 1.40
N GLY C 20 7.59 16.47 0.78
CA GLY C 20 6.82 17.27 -0.15
C GLY C 20 6.67 16.66 -1.55
N SER C 21 6.12 17.46 -2.45
CA SER C 21 5.81 16.96 -3.78
C SER C 21 6.19 17.98 -4.82
N LEU C 22 6.39 17.51 -6.04
CA LEU C 22 6.58 18.33 -7.22
C LEU C 22 5.97 17.58 -8.39
N ARG C 23 5.57 18.35 -9.41
CA ARG C 23 4.95 17.72 -10.57
C ARG C 23 5.71 18.30 -11.75
N LEU C 24 6.57 17.47 -12.37
CA LEU C 24 7.24 17.84 -13.60
C LEU C 24 6.38 17.65 -14.85
N SER C 25 6.63 18.58 -15.79
CA SER C 25 5.90 18.48 -17.06
C SER C 25 6.92 18.47 -18.20
N CYS C 26 6.58 17.63 -19.20
CA CYS C 26 7.40 17.49 -20.39
C CYS C 26 6.50 17.65 -21.63
N ALA C 27 6.50 18.85 -22.16
CA ALA C 27 5.52 19.23 -23.16
C ALA C 27 6.14 18.91 -24.53
N ALA C 28 5.35 18.26 -25.37
CA ALA C 28 5.81 17.79 -26.66
C ALA C 28 5.20 18.68 -27.76
N SER C 29 6.06 19.05 -28.72
CA SER C 29 5.68 19.62 -30.01
C SER C 29 4.72 18.71 -30.80
N GLY C 30 5.27 17.57 -31.31
CA GLY C 30 4.61 16.69 -32.28
C GLY C 30 4.82 15.22 -31.91
N TYR C 31 5.48 14.43 -32.80
CA TYR C 31 5.79 13.03 -32.49
C TYR C 31 7.07 12.56 -33.17
N THR C 32 7.75 11.64 -32.47
CA THR C 32 8.93 10.98 -33.03
C THR C 32 8.46 10.07 -34.15
N SER C 33 9.42 9.79 -35.04
CA SER C 33 9.28 8.73 -36.02
C SER C 33 9.84 7.44 -35.42
N GLY C 34 8.94 6.51 -35.05
CA GLY C 34 9.37 5.16 -34.71
C GLY C 34 8.79 4.71 -33.39
N ASP C 35 9.59 3.95 -32.60
CA ASP C 35 9.06 3.28 -31.41
C ASP C 35 9.57 3.92 -30.11
N GLU C 36 10.17 5.11 -30.19
CA GLU C 36 10.54 5.85 -28.99
C GLU C 36 9.29 6.16 -28.20
N ILE C 37 9.41 6.05 -26.87
CA ILE C 37 8.37 6.47 -25.95
C ILE C 37 8.94 7.65 -25.14
N MET C 38 8.24 8.20 -24.12
CA MET C 38 8.79 9.39 -23.48
C MET C 38 9.28 9.07 -22.08
N GLY C 39 10.46 9.53 -21.72
CA GLY C 39 11.03 9.14 -20.44
C GLY C 39 11.66 10.28 -19.68
N TRP C 40 11.92 10.00 -18.40
CA TRP C 40 12.70 10.90 -17.59
C TRP C 40 13.92 10.22 -17.06
N PHE C 41 15.03 10.95 -17.04
CA PHE C 41 16.17 10.54 -16.29
C PHE C 41 16.66 11.68 -15.39
N ARG C 42 17.54 11.39 -14.48
CA ARG C 42 17.99 12.43 -13.59
C ARG C 42 19.49 12.36 -13.42
N GLN C 43 20.06 13.52 -12.97
CA GLN C 43 21.47 13.54 -12.67
C GLN C 43 21.74 14.49 -11.49
N ALA C 44 22.28 13.91 -10.45
CA ALA C 44 22.61 14.64 -9.21
C ALA C 44 24.02 15.18 -9.34
N PRO C 45 24.38 16.28 -8.60
CA PRO C 45 25.75 16.70 -8.65
C PRO C 45 26.63 15.53 -8.32
N GLY C 46 27.71 15.48 -9.10
CA GLY C 46 28.70 14.45 -8.96
C GLY C 46 28.28 12.98 -9.14
N LYS C 47 27.23 12.65 -9.93
CA LYS C 47 26.86 11.24 -10.08
C LYS C 47 26.36 11.01 -11.51
N GLU C 48 26.22 9.74 -11.88
CA GLU C 48 25.88 9.35 -13.25
C GLU C 48 24.37 9.51 -13.46
N ARG C 49 23.98 9.77 -14.68
CA ARG C 49 22.57 9.77 -15.08
C ARG C 49 21.87 8.46 -14.68
N GLU C 50 20.63 8.58 -14.13
CA GLU C 50 19.88 7.43 -13.60
C GLU C 50 18.51 7.49 -14.27
N PHE C 51 18.06 6.37 -14.81
CA PHE C 51 16.69 6.29 -15.32
C PHE C 51 15.70 6.45 -14.15
N VAL C 52 14.63 7.25 -14.40
CA VAL C 52 13.56 7.48 -13.41
C VAL C 52 12.27 6.79 -13.83
N SER C 53 11.73 7.19 -14.95
CA SER C 53 10.43 6.68 -15.36
C SER C 53 10.23 6.82 -16.84
N ALA C 54 9.31 6.05 -17.43
CA ALA C 54 8.91 6.29 -18.80
C ALA C 54 7.49 5.83 -19.09
N ILE C 55 6.94 6.34 -20.20
CA ILE C 55 5.55 6.06 -20.54
C ILE C 55 5.39 5.91 -22.07
N SER C 56 4.62 4.89 -22.41
CA SER C 56 4.27 4.59 -23.79
C SER C 56 2.84 5.01 -23.92
N TRP C 57 2.32 5.36 -25.10
CA TRP C 57 0.87 5.61 -25.13
C TRP C 57 0.13 4.97 -26.30
N GLN C 58 0.80 4.77 -27.45
CA GLN C 58 0.15 4.25 -28.65
C GLN C 58 -0.01 2.72 -28.59
N SER C 59 0.64 2.05 -27.64
CA SER C 59 0.54 0.60 -27.58
C SER C 59 -0.43 0.24 -26.47
N GLY C 60 -1.40 1.14 -26.25
CA GLY C 60 -1.92 1.42 -24.92
C GLY C 60 -0.83 2.00 -24.02
N THR C 61 -1.13 2.09 -22.73
CA THR C 61 -0.30 2.77 -21.77
C THR C 61 0.41 1.75 -20.90
N SER C 62 1.72 1.75 -21.05
CA SER C 62 2.64 1.04 -20.19
C SER C 62 3.46 2.12 -19.46
N THR C 63 3.77 1.82 -18.25
CA THR C 63 4.61 2.75 -17.49
C THR C 63 5.77 1.94 -16.94
N TYR C 64 6.89 2.64 -16.68
CA TYR C 64 8.03 2.01 -16.11
C TYR C 64 8.61 2.95 -15.07
N TYR C 65 9.21 2.37 -14.09
CA TYR C 65 9.79 3.14 -12.97
C TYR C 65 11.02 2.46 -12.40
N ALA C 66 12.02 3.26 -12.03
CA ALA C 66 13.12 2.78 -11.22
C ALA C 66 12.54 2.27 -9.91
N ASP C 67 13.16 1.25 -9.30
CA ASP C 67 12.64 0.74 -8.02
C ASP C 67 12.65 1.81 -6.93
N SER C 68 13.67 2.67 -6.95
CA SER C 68 13.86 3.74 -5.96
C SER C 68 12.67 4.70 -5.90
N VAL C 69 11.85 4.72 -6.98
CA VAL C 69 10.74 5.69 -7.01
C VAL C 69 9.35 5.03 -7.06
N LYS C 70 9.34 3.69 -7.10
CA LYS C 70 8.07 3.01 -7.28
C LYS C 70 7.22 3.33 -6.07
N GLY C 71 5.94 3.56 -6.30
CA GLY C 71 5.02 3.82 -5.17
C GLY C 71 4.97 5.31 -4.79
N ARG C 72 5.98 6.08 -5.24
CA ARG C 72 6.08 7.48 -4.83
C ARG C 72 5.82 8.36 -6.05
N PHE C 73 6.30 7.95 -7.25
CA PHE C 73 6.23 8.74 -8.45
C PHE C 73 5.20 8.09 -9.37
N THR C 74 4.51 8.96 -10.14
CA THR C 74 3.51 8.51 -11.06
C THR C 74 3.68 9.29 -12.35
N ILE C 75 3.83 8.53 -13.46
CA ILE C 75 3.97 9.14 -14.75
C ILE C 75 2.59 9.01 -15.46
N SER C 76 2.23 10.06 -16.20
CA SER C 76 0.95 10.09 -16.91
C SER C 76 1.12 10.96 -18.14
N ARG C 77 0.13 10.86 -19.06
CA ARG C 77 0.14 11.71 -20.24
C ARG C 77 -1.23 12.35 -20.45
N ASP C 78 -1.22 13.59 -20.91
CA ASP C 78 -2.47 14.22 -21.34
C ASP C 78 -2.47 14.24 -22.88
N ASN C 79 -3.19 13.28 -23.48
CA ASN C 79 -3.21 13.21 -24.95
C ASN C 79 -3.70 14.55 -25.56
N SER C 80 -4.73 15.14 -24.93
CA SER C 80 -5.29 16.39 -25.42
C SER C 80 -4.25 17.50 -25.42
N LYS C 81 -3.13 17.35 -24.71
CA LYS C 81 -2.15 18.43 -24.69
C LYS C 81 -0.75 17.95 -25.03
N ASN C 82 -0.58 16.66 -25.34
CA ASN C 82 0.72 16.14 -25.76
C ASN C 82 1.79 16.46 -24.70
N THR C 83 1.39 16.32 -23.44
CA THR C 83 2.34 16.56 -22.36
C THR C 83 2.38 15.31 -21.51
N VAL C 84 3.62 14.97 -21.02
CA VAL C 84 3.78 13.95 -20.00
C VAL C 84 4.04 14.64 -18.64
N TYR C 85 3.49 14.07 -17.59
CA TYR C 85 3.68 14.60 -16.23
C TYR C 85 4.40 13.54 -15.40
N LEU C 86 5.28 13.96 -14.52
CA LEU C 86 5.80 13.05 -13.51
C LEU C 86 5.47 13.64 -12.16
N GLN C 87 4.52 12.99 -11.51
CA GLN C 87 4.08 13.40 -10.17
C GLN C 87 5.02 12.78 -9.16
N MET C 88 5.78 13.60 -8.44
CA MET C 88 6.76 13.10 -7.49
C MET C 88 6.29 13.39 -6.08
N ASN C 89 5.84 12.36 -5.37
CA ASN C 89 5.40 12.46 -3.97
C ASN C 89 6.39 11.86 -3.00
N SER C 90 6.28 12.26 -1.70
CA SER C 90 7.05 11.68 -0.62
C SER C 90 8.54 11.85 -0.93
N LEU C 91 8.92 13.07 -1.33
CA LEU C 91 10.29 13.33 -1.80
C LEU C 91 11.28 13.18 -0.67
N ARG C 92 12.45 12.69 -1.03
CA ARG C 92 13.55 12.46 -0.09
C ARG C 92 14.77 13.27 -0.55
N ALA C 93 15.68 13.58 0.36
CA ALA C 93 16.89 14.32 0.01
C ALA C 93 17.60 13.70 -1.20
N GLU C 94 17.69 12.37 -1.25
CA GLU C 94 18.40 11.70 -2.33
C GLU C 94 17.66 11.75 -3.66
N ASP C 95 16.47 12.35 -3.69
CA ASP C 95 15.87 12.68 -4.98
C ASP C 95 16.39 13.98 -5.63
N THR C 96 17.23 14.71 -4.89
CA THR C 96 17.79 15.92 -5.43
C THR C 96 18.65 15.61 -6.68
N ALA C 97 18.32 16.32 -7.75
CA ALA C 97 18.98 16.18 -9.06
C ALA C 97 18.35 17.13 -10.04
N THR C 98 18.91 17.18 -11.28
CA THR C 98 18.29 17.74 -12.44
C THR C 98 17.60 16.64 -13.25
N TYR C 99 16.37 16.91 -13.57
CA TYR C 99 15.45 15.92 -14.16
C TYR C 99 15.24 16.35 -15.63
N TYR C 100 15.52 15.39 -16.52
CA TYR C 100 15.42 15.62 -17.97
C TYR C 100 14.42 14.68 -18.61
N CYS C 101 13.69 15.18 -19.58
CA CYS C 101 12.77 14.38 -20.39
C CYS C 101 13.34 14.18 -21.81
N ALA C 102 13.16 12.96 -22.30
CA ALA C 102 13.75 12.55 -23.59
C ALA C 102 13.01 11.38 -24.16
N PRO C 103 12.92 11.32 -25.51
CA PRO C 103 12.50 10.09 -26.19
C PRO C 103 13.53 9.04 -25.91
N MET C 104 13.00 7.85 -25.52
CA MET C 104 13.81 6.71 -25.15
C MET C 104 13.30 5.54 -25.95
N THR C 105 14.21 4.68 -26.41
CA THR C 105 13.84 3.37 -26.94
C THR C 105 14.18 2.27 -25.94
N LEU C 106 13.16 1.41 -25.70
CA LEU C 106 13.41 0.21 -24.94
C LEU C 106 14.05 -0.79 -25.89
N ALA C 107 15.36 -0.92 -25.85
CA ALA C 107 16.13 -1.81 -26.74
C ALA C 107 16.08 -3.29 -26.38
N GLU C 108 16.15 -3.66 -25.12
CA GLU C 108 16.24 -5.04 -24.67
C GLU C 108 15.62 -5.10 -23.29
N THR C 109 14.85 -6.14 -23.05
CA THR C 109 14.43 -6.46 -21.71
C THR C 109 14.87 -7.90 -21.41
N TYR C 110 15.55 -8.08 -20.32
CA TYR C 110 16.12 -9.39 -19.92
C TYR C 110 15.51 -9.82 -18.60
N TYR C 111 14.81 -10.94 -18.68
CA TYR C 111 14.04 -11.50 -17.59
C TYR C 111 14.71 -12.75 -17.05
N GLU C 112 14.90 -12.74 -15.73
CA GLU C 112 15.50 -13.85 -15.04
C GLU C 112 14.41 -14.59 -14.31
N TRP C 113 14.05 -15.77 -14.80
CA TRP C 113 13.04 -16.60 -14.21
C TRP C 113 13.63 -17.77 -13.40
N LEU C 114 13.03 -18.02 -12.25
CA LEU C 114 13.46 -19.06 -11.33
C LEU C 114 12.34 -20.03 -11.19
N ILE C 115 12.73 -21.31 -11.25
CA ILE C 115 11.83 -22.39 -10.84
C ILE C 115 12.51 -23.16 -9.71
N SER C 116 11.76 -23.40 -8.62
CA SER C 116 12.27 -24.05 -7.43
C SER C 116 11.46 -25.33 -7.20
N GLY C 117 12.18 -26.45 -7.15
CA GLY C 117 11.49 -27.72 -6.92
C GLY C 117 11.06 -28.30 -8.24
N TYR C 118 10.31 -29.39 -8.13
CA TYR C 118 9.79 -30.15 -9.27
C TYR C 118 8.26 -30.13 -9.29
N TRP C 119 7.64 -29.95 -10.47
CA TRP C 119 6.23 -29.63 -10.49
C TRP C 119 5.44 -30.55 -11.42
N GLY C 120 6.07 -31.64 -11.87
CA GLY C 120 5.32 -32.69 -12.57
C GLY C 120 5.72 -32.79 -14.04
N GLN C 121 5.14 -33.80 -14.69
CA GLN C 121 5.50 -34.21 -16.04
C GLN C 121 4.89 -33.25 -17.07
N GLY C 122 5.58 -33.20 -18.22
CA GLY C 122 5.21 -32.30 -19.31
C GLY C 122 4.20 -32.95 -20.23
N THR C 123 3.81 -32.24 -21.27
CA THR C 123 2.93 -32.82 -22.28
C THR C 123 3.62 -32.64 -23.63
N GLN C 124 3.69 -33.70 -24.48
CA GLN C 124 4.48 -33.58 -25.70
C GLN C 124 3.66 -33.00 -26.85
N VAL C 125 4.35 -32.16 -27.65
CA VAL C 125 3.87 -31.50 -28.85
C VAL C 125 4.82 -31.83 -29.98
N THR C 126 4.25 -32.41 -31.04
CA THR C 126 5.01 -32.75 -32.23
C THR C 126 4.37 -32.09 -33.42
N VAL C 127 5.17 -31.28 -34.14
CA VAL C 127 4.74 -30.71 -35.39
C VAL C 127 5.39 -31.51 -36.49
N SER C 128 4.53 -32.02 -37.39
CA SER C 128 4.95 -32.99 -38.39
C SER C 128 5.64 -32.27 -39.53
N SER C 129 6.36 -33.01 -40.37
CA SER C 129 6.76 -32.53 -41.68
C SER C 129 5.52 -32.11 -42.46
N ALA C 130 5.66 -31.26 -43.48
CA ALA C 130 4.60 -31.17 -44.49
C ALA C 130 4.75 -32.29 -45.55
N ALA C 131 3.67 -32.60 -46.32
CA ALA C 131 3.71 -32.80 -47.78
C ALA C 131 4.30 -34.11 -48.36
N ALA C 132 5.38 -33.96 -49.18
CA ALA C 132 6.14 -35.02 -49.83
C ALA C 132 5.33 -35.69 -50.96
N LYS D 1 11.85 -3.15 -32.74
CA LYS D 1 13.26 -3.61 -32.62
C LYS D 1 13.49 -4.14 -31.20
N LYS D 2 12.61 -3.84 -30.23
CA LYS D 2 12.79 -4.31 -28.87
C LYS D 2 13.10 -5.81 -28.85
N ILE D 3 14.15 -6.27 -28.18
CA ILE D 3 14.32 -7.69 -28.03
C ILE D 3 14.07 -8.05 -26.56
N GLU D 4 13.51 -9.24 -26.37
CA GLU D 4 13.37 -9.80 -25.04
C GLU D 4 14.20 -11.06 -24.93
N THR D 5 14.77 -11.22 -23.78
CA THR D 5 15.57 -12.38 -23.41
C THR D 5 14.99 -12.92 -22.15
N HIS D 6 14.47 -14.18 -22.22
CA HIS D 6 13.97 -14.85 -21.04
C HIS D 6 14.92 -15.96 -20.65
N LYS D 7 15.51 -15.84 -19.49
CA LYS D 7 16.40 -16.85 -18.94
C LYS D 7 15.68 -17.64 -17.87
N LEU D 8 15.97 -18.94 -17.85
CA LEU D 8 15.34 -19.81 -16.90
C LEU D 8 16.39 -20.50 -16.04
N THR D 9 16.26 -20.47 -14.72
CA THR D 9 17.19 -21.06 -13.79
C THR D 9 16.37 -21.99 -12.92
N PHE D 10 16.86 -23.22 -12.73
CA PHE D 10 16.20 -24.19 -11.87
C PHE D 10 16.98 -24.32 -10.54
N ARG D 11 16.26 -24.20 -9.44
CA ARG D 11 16.83 -24.42 -8.11
C ARG D 11 16.22 -25.71 -7.55
N GLU D 12 17.02 -26.41 -6.74
CA GLU D 12 16.77 -27.76 -6.25
C GLU D 12 16.67 -28.76 -7.42
N GLN E 7 -7.85 -22.50 19.76
CA GLN E 7 -7.84 -22.93 21.19
C GLN E 7 -7.31 -21.79 22.07
N LEU E 8 -8.25 -21.09 22.74
CA LEU E 8 -7.93 -20.03 23.70
C LEU E 8 -8.14 -20.52 25.12
N GLN E 9 -7.27 -20.09 26.01
CA GLN E 9 -7.37 -20.49 27.39
C GLN E 9 -6.99 -19.31 28.29
N ALA E 10 -7.95 -18.72 29.00
CA ALA E 10 -7.65 -17.73 30.03
C ALA E 10 -7.32 -18.39 31.35
N SER E 11 -6.26 -17.87 32.00
CA SER E 11 -5.79 -18.32 33.28
C SER E 11 -5.14 -17.16 34.03
N GLY E 12 -4.88 -17.38 35.34
CA GLY E 12 -4.08 -16.49 36.17
C GLY E 12 -4.91 -15.67 37.15
N GLY E 13 -6.18 -15.98 37.23
CA GLY E 13 -7.13 -15.42 38.15
C GLY E 13 -6.78 -15.78 39.58
N GLY E 14 -7.38 -15.09 40.50
CA GLY E 14 -7.20 -15.32 41.94
C GLY E 14 -8.05 -14.46 42.83
N PHE E 15 -7.73 -14.56 44.13
CA PHE E 15 -8.47 -13.97 45.20
C PHE E 15 -7.46 -13.13 45.94
N VAL E 16 -7.48 -11.80 45.78
CA VAL E 16 -6.38 -10.94 46.26
C VAL E 16 -6.89 -9.75 47.05
N GLN E 17 -6.04 -9.14 47.85
CA GLN E 17 -6.42 -7.96 48.60
CA GLN E 17 -6.47 -7.97 48.59
C GLN E 17 -6.43 -6.76 47.62
N PRO E 18 -7.20 -5.73 47.88
CA PRO E 18 -7.06 -4.45 47.18
C PRO E 18 -5.66 -3.91 47.30
N GLY E 19 -5.16 -3.38 46.19
CA GLY E 19 -3.80 -2.90 46.04
C GLY E 19 -2.92 -4.00 45.49
N GLY E 20 -3.42 -5.25 45.44
CA GLY E 20 -2.63 -6.31 44.83
C GLY E 20 -2.64 -6.33 43.30
N SER E 21 -1.97 -7.35 42.77
CA SER E 21 -1.69 -7.61 41.38
C SER E 21 -2.04 -9.04 41.00
N LEU E 22 -2.38 -9.22 39.72
CA LEU E 22 -2.49 -10.53 39.09
C LEU E 22 -2.03 -10.38 37.64
N ARG E 23 -1.54 -11.46 37.07
CA ARG E 23 -1.24 -11.44 35.66
CA ARG E 23 -1.18 -11.49 35.67
C ARG E 23 -2.05 -12.53 34.99
N LEU E 24 -2.96 -12.13 34.11
CA LEU E 24 -3.79 -13.04 33.33
C LEU E 24 -3.05 -13.42 32.06
N SER E 25 -3.23 -14.66 31.64
CA SER E 25 -2.65 -15.20 30.45
C SER E 25 -3.78 -15.67 29.53
N CYS E 26 -3.58 -15.50 28.25
CA CYS E 26 -4.46 -16.06 27.24
C CYS E 26 -3.60 -16.69 26.14
N ALA E 27 -3.57 -18.04 26.13
CA ALA E 27 -2.65 -18.75 25.26
C ALA E 27 -3.42 -19.22 24.03
N ALA E 28 -2.95 -18.87 22.82
CA ALA E 28 -3.55 -19.28 21.56
C ALA E 28 -2.74 -20.41 20.92
N SER E 29 -3.45 -21.30 20.19
CA SER E 29 -2.84 -22.51 19.68
C SER E 29 -2.23 -22.32 18.29
N GLY E 30 -2.71 -21.35 17.50
CA GLY E 30 -2.34 -21.24 16.09
C GLY E 30 -1.63 -19.93 15.71
N TYR E 31 -2.38 -19.03 15.06
CA TYR E 31 -1.93 -17.66 14.79
C TYR E 31 -3.07 -16.79 14.22
N THR E 32 -4.28 -17.37 14.06
CA THR E 32 -5.53 -16.65 13.84
C THR E 32 -5.65 -16.19 12.38
N SER E 33 -5.46 -14.87 12.16
CA SER E 33 -5.59 -14.24 10.84
C SER E 33 -4.25 -13.67 10.35
N GLY E 34 -3.15 -13.94 11.07
CA GLY E 34 -1.84 -13.37 10.78
C GLY E 34 -1.38 -12.36 11.83
N ASP E 35 -2.29 -11.45 12.22
CA ASP E 35 -1.99 -10.42 13.20
C ASP E 35 -3.27 -9.64 13.47
N GLU E 36 -4.20 -10.26 14.20
CA GLU E 36 -5.53 -9.73 14.42
C GLU E 36 -5.54 -8.89 15.71
N ILE E 37 -6.67 -8.87 16.44
CA ILE E 37 -6.76 -8.18 17.70
C ILE E 37 -7.24 -9.21 18.72
N MET E 38 -6.53 -9.27 19.85
CA MET E 38 -6.99 -10.10 20.96
C MET E 38 -7.38 -9.14 22.08
N GLY E 39 -8.50 -9.38 22.74
CA GLY E 39 -9.01 -8.53 23.76
C GLY E 39 -9.44 -9.31 24.99
N TRP E 40 -9.52 -8.56 26.08
CA TRP E 40 -10.06 -8.98 27.35
C TRP E 40 -11.35 -8.22 27.60
N PHE E 41 -12.35 -8.94 28.13
CA PHE E 41 -13.54 -8.37 28.70
C PHE E 41 -13.87 -9.10 30.00
N ARG E 42 -14.70 -8.47 30.79
CA ARG E 42 -15.04 -8.97 32.12
C ARG E 42 -16.52 -8.85 32.41
N GLN E 43 -17.02 -9.69 33.36
CA GLN E 43 -18.41 -9.59 33.79
C GLN E 43 -18.52 -9.98 35.25
N ALA E 44 -19.13 -9.09 35.99
CA ALA E 44 -19.36 -9.27 37.42
C ALA E 44 -20.78 -9.75 37.66
N PRO E 45 -21.11 -10.36 38.81
CA PRO E 45 -22.45 -10.90 38.98
C PRO E 45 -23.54 -9.86 38.88
N GLY E 46 -24.52 -10.16 38.06
CA GLY E 46 -25.61 -9.21 37.95
C GLY E 46 -25.28 -7.98 37.11
N LYS E 47 -24.14 -7.98 36.40
CA LYS E 47 -23.79 -6.82 35.56
C LYS E 47 -23.57 -7.26 34.14
N GLU E 48 -23.44 -6.25 33.24
CA GLU E 48 -23.18 -6.51 31.85
C GLU E 48 -21.68 -6.66 31.58
N ARG E 49 -21.38 -7.34 30.51
CA ARG E 49 -20.02 -7.50 30.04
C ARG E 49 -19.44 -6.09 29.83
N GLU E 50 -18.17 -5.91 30.18
CA GLU E 50 -17.46 -4.61 30.03
C GLU E 50 -16.11 -4.87 29.38
N PHE E 51 -15.80 -4.12 28.30
CA PHE E 51 -14.50 -4.12 27.66
C PHE E 51 -13.45 -3.74 28.66
N VAL E 52 -12.30 -4.46 28.61
CA VAL E 52 -11.18 -4.14 29.48
C VAL E 52 -9.99 -3.61 28.66
N SER E 53 -9.48 -4.41 27.77
CA SER E 53 -8.30 -4.05 26.99
C SER E 53 -8.17 -4.87 25.70
N ALA E 54 -7.38 -4.37 24.74
CA ALA E 54 -7.10 -5.14 23.53
C ALA E 54 -5.74 -4.74 22.94
N ILE E 55 -5.17 -5.68 22.22
CA ILE E 55 -3.87 -5.50 21.58
C ILE E 55 -3.95 -6.01 20.15
N SER E 56 -3.42 -5.22 19.22
CA SER E 56 -3.20 -5.75 17.88
C SER E 56 -1.73 -5.62 17.52
N TRP E 57 -1.25 -6.64 16.80
CA TRP E 57 0.13 -6.67 16.34
C TRP E 57 0.13 -6.88 14.82
N GLN E 58 -0.71 -6.08 14.13
CA GLN E 58 -0.75 -6.09 12.67
C GLN E 58 0.37 -5.16 12.20
N SER E 59 0.03 -3.96 11.75
CA SER E 59 1.08 -3.00 11.42
C SER E 59 1.58 -2.38 12.73
N GLY E 60 2.47 -3.13 13.43
CA GLY E 60 2.98 -2.74 14.74
C GLY E 60 1.98 -3.08 15.86
N THR E 61 2.21 -2.53 17.06
CA THR E 61 1.39 -2.82 18.21
C THR E 61 0.55 -1.59 18.55
N SER E 62 -0.77 -1.74 18.63
CA SER E 62 -1.54 -0.71 19.31
C SER E 62 -2.23 -1.36 20.52
N THR E 63 -2.51 -0.57 21.54
CA THR E 63 -3.15 -1.11 22.70
C THR E 63 -4.30 -0.19 22.99
N TYR E 64 -5.40 -0.78 23.57
CA TYR E 64 -6.53 -0.06 23.99
C TYR E 64 -6.95 -0.53 25.39
N TYR E 65 -7.49 0.41 26.10
CA TYR E 65 -7.93 0.28 27.49
C TYR E 65 -9.23 1.00 27.77
N ALA E 66 -10.06 0.39 28.65
CA ALA E 66 -11.13 1.08 29.31
C ALA E 66 -10.50 2.22 30.09
N ASP E 67 -11.22 3.34 30.20
CA ASP E 67 -10.74 4.48 30.99
C ASP E 67 -10.44 4.03 32.46
N SER E 68 -11.28 3.16 33.03
CA SER E 68 -11.17 2.80 34.45
C SER E 68 -9.92 1.98 34.77
N VAL E 69 -9.25 1.45 33.77
CA VAL E 69 -8.11 0.55 34.02
C VAL E 69 -6.83 1.13 33.46
N LYS E 70 -6.90 2.29 32.73
CA LYS E 70 -5.68 2.96 32.23
C LYS E 70 -4.79 3.34 33.39
N GLY E 71 -3.48 3.05 33.18
CA GLY E 71 -2.50 3.35 34.20
C GLY E 71 -2.46 2.40 35.39
N ARG E 72 -3.16 1.30 35.28
CA ARG E 72 -3.17 0.24 36.32
C ARG E 72 -2.93 -1.09 35.61
N PHE E 73 -3.55 -1.27 34.43
CA PHE E 73 -3.45 -2.53 33.68
C PHE E 73 -2.62 -2.32 32.44
N THR E 74 -1.81 -3.31 32.07
CA THR E 74 -1.01 -3.33 30.84
C THR E 74 -1.21 -4.65 30.10
N ILE E 75 -1.60 -4.58 28.82
CA ILE E 75 -1.72 -5.74 27.95
C ILE E 75 -0.46 -5.85 27.10
N SER E 76 -0.02 -7.07 26.91
CA SER E 76 1.19 -7.34 26.12
C SER E 76 1.10 -8.67 25.41
N ARG E 77 2.06 -8.97 24.52
CA ARG E 77 1.99 -10.23 23.77
C ARG E 77 3.40 -10.76 23.65
N ASP E 78 3.56 -12.04 23.94
CA ASP E 78 4.81 -12.80 23.75
C ASP E 78 4.63 -13.68 22.50
N ASN E 79 5.11 -13.13 21.39
CA ASN E 79 4.97 -13.76 20.08
C ASN E 79 5.48 -15.19 20.05
N SER E 80 6.56 -15.47 20.78
CA SER E 80 7.18 -16.78 20.73
C SER E 80 6.34 -17.83 21.44
N LYS E 81 5.44 -17.40 22.32
CA LYS E 81 4.59 -18.34 23.01
C LYS E 81 3.12 -18.23 22.57
N ASN E 82 2.86 -17.33 21.62
CA ASN E 82 1.53 -17.07 21.11
C ASN E 82 0.61 -16.85 22.31
N THR E 83 1.08 -15.95 23.19
CA THR E 83 0.32 -15.68 24.41
C THR E 83 0.21 -14.17 24.61
N VAL E 84 -0.99 -13.74 25.08
CA VAL E 84 -1.31 -12.38 25.46
C VAL E 84 -1.48 -12.36 26.96
N TYR E 85 -0.96 -11.27 27.53
CA TYR E 85 -0.92 -11.12 28.98
C TYR E 85 -1.68 -9.85 29.38
N LEU E 86 -2.35 -9.88 30.53
CA LEU E 86 -2.94 -8.69 31.12
C LEU E 86 -2.40 -8.59 32.54
N GLN E 87 -1.48 -7.62 32.73
CA GLN E 87 -0.91 -7.34 34.03
C GLN E 87 -1.80 -6.37 34.75
N MET E 88 -2.44 -6.83 35.81
CA MET E 88 -3.38 -6.00 36.55
C MET E 88 -2.76 -5.60 37.88
N ASN E 89 -2.33 -4.34 38.00
CA ASN E 89 -1.83 -3.76 39.24
C ASN E 89 -2.87 -2.84 39.85
N SER E 90 -2.63 -2.41 41.10
CA SER E 90 -3.49 -1.51 41.82
C SER E 90 -4.92 -2.01 41.77
N LEU E 91 -5.12 -3.33 42.06
CA LEU E 91 -6.47 -3.85 41.96
C LEU E 91 -7.37 -3.22 42.99
N ARG E 92 -8.62 -3.07 42.57
CA ARG E 92 -9.65 -2.49 43.43
C ARG E 92 -10.79 -3.51 43.55
N ALA E 93 -11.60 -3.35 44.58
CA ALA E 93 -12.75 -4.24 44.78
C ALA E 93 -13.64 -4.29 43.53
N GLU E 94 -13.83 -3.12 42.90
CA GLU E 94 -14.63 -2.99 41.70
C GLU E 94 -14.13 -3.72 40.46
N ASP E 95 -12.90 -4.25 40.48
CA ASP E 95 -12.33 -5.08 39.42
C ASP E 95 -12.71 -6.57 39.58
N THR E 96 -13.45 -6.88 40.63
CA THR E 96 -13.95 -8.24 40.82
C THR E 96 -14.88 -8.64 39.70
N ALA E 97 -14.58 -9.71 39.05
CA ALA E 97 -15.34 -10.27 37.91
C ALA E 97 -14.75 -11.57 37.42
N THR E 98 -15.38 -12.23 36.43
CA THR E 98 -14.80 -13.22 35.57
C THR E 98 -14.24 -12.51 34.34
N TYR E 99 -13.00 -12.80 34.05
CA TYR E 99 -12.28 -12.25 32.90
C TYR E 99 -12.16 -13.29 31.80
N TYR E 100 -12.38 -12.82 30.58
CA TYR E 100 -12.35 -13.63 29.40
C TYR E 100 -11.49 -13.03 28.29
N CYS E 101 -10.78 -13.90 27.55
CA CYS E 101 -10.08 -13.37 26.38
C CYS E 101 -10.76 -13.91 25.13
N ALA E 102 -10.78 -13.06 24.10
CA ALA E 102 -11.38 -13.41 22.81
C ALA E 102 -10.73 -12.60 21.68
N PRO E 103 -10.77 -13.11 20.42
CA PRO E 103 -10.44 -12.26 19.30
C PRO E 103 -11.52 -11.22 19.16
N MET E 104 -11.14 -9.99 18.79
CA MET E 104 -12.09 -8.91 18.67
C MET E 104 -11.86 -8.26 17.32
N THR E 105 -12.88 -7.60 16.78
CA THR E 105 -12.64 -6.68 15.69
C THR E 105 -13.11 -5.31 16.05
N LEU E 106 -12.31 -4.32 15.65
CA LEU E 106 -12.68 -2.94 15.91
C LEU E 106 -13.58 -2.47 14.77
N ALA E 107 -14.88 -2.32 15.04
CA ALA E 107 -15.79 -2.11 13.92
C ALA E 107 -15.80 -0.66 13.46
N GLU E 108 -15.79 0.21 14.43
CA GLU E 108 -16.01 1.61 14.13
C GLU E 108 -15.35 2.33 15.30
N THR E 109 -14.84 3.51 14.98
CA THR E 109 -14.44 4.44 16.00
C THR E 109 -15.08 5.78 15.72
N TYR E 110 -15.79 6.34 16.67
CA TYR E 110 -16.42 7.65 16.53
C TYR E 110 -15.65 8.68 17.37
N TYR E 111 -15.19 9.75 16.72
CA TYR E 111 -14.51 10.87 17.31
C TYR E 111 -15.42 12.08 17.33
N GLU E 112 -15.41 12.77 18.44
CA GLU E 112 -16.12 14.02 18.54
C GLU E 112 -15.16 15.16 18.82
N TRP E 113 -15.07 16.06 17.83
CA TRP E 113 -14.11 17.17 17.81
C TRP E 113 -14.90 18.46 18.03
N LEU E 114 -14.44 19.29 18.94
CA LEU E 114 -15.07 20.55 19.32
C LEU E 114 -14.27 21.69 18.70
N ILE E 115 -14.91 22.67 18.06
CA ILE E 115 -14.25 23.87 17.62
C ILE E 115 -14.98 25.07 18.22
N SER E 116 -14.24 26.08 18.65
CA SER E 116 -14.80 27.24 19.28
C SER E 116 -14.47 28.48 18.43
N GLY E 117 -15.44 29.39 18.33
CA GLY E 117 -15.12 30.71 17.86
C GLY E 117 -15.13 30.77 16.34
N TYR E 118 -14.72 31.95 15.85
CA TYR E 118 -14.70 32.24 14.43
C TYR E 118 -13.50 31.52 13.85
N TRP E 119 -13.67 31.02 12.68
CA TRP E 119 -12.47 30.33 12.30
C TRP E 119 -11.81 31.25 11.31
N GLY E 120 -10.63 30.84 10.88
CA GLY E 120 -9.70 31.72 10.24
C GLY E 120 -9.97 31.75 8.74
N GLN E 121 -9.05 32.42 8.06
CA GLN E 121 -9.06 32.56 6.61
C GLN E 121 -8.88 31.16 6.05
N GLY E 122 -9.75 30.81 5.11
CA GLY E 122 -9.64 29.52 4.44
C GLY E 122 -8.93 29.66 3.11
N THR E 123 -8.57 28.52 2.50
CA THR E 123 -7.85 28.57 1.24
C THR E 123 -8.57 27.65 0.29
N GLN E 124 -8.82 28.09 -0.94
CA GLN E 124 -9.58 27.31 -1.90
C GLN E 124 -8.71 26.30 -2.67
N VAL E 125 -9.22 25.08 -2.71
CA VAL E 125 -8.63 23.94 -3.44
C VAL E 125 -9.60 23.51 -4.52
N THR E 126 -9.18 23.62 -5.77
CA THR E 126 -10.00 23.26 -6.90
C THR E 126 -9.24 22.28 -7.81
N VAL E 127 -9.76 21.08 -7.80
CA VAL E 127 -9.23 19.98 -8.60
C VAL E 127 -9.94 19.97 -9.94
N SER E 128 -9.19 20.22 -11.01
CA SER E 128 -9.82 20.47 -12.32
C SER E 128 -8.86 20.01 -13.44
N SER E 129 -9.38 19.24 -14.39
CA SER E 129 -8.59 18.84 -15.56
C SER E 129 -8.12 20.07 -16.33
N ALA E 130 -8.69 21.25 -16.04
CA ALA E 130 -8.33 22.49 -16.72
C ALA E 130 -7.11 23.19 -16.12
N ALA E 131 -6.58 22.70 -14.98
CA ALA E 131 -5.60 23.49 -14.26
C ALA E 131 -4.26 23.64 -15.02
N LYS F 1 -8.79 -0.45 7.22
CA LYS F 1 -7.92 -0.82 8.36
C LYS F 1 -8.57 -0.31 9.64
N LYS F 2 -8.73 1.03 9.75
CA LYS F 2 -9.49 1.67 10.82
C LYS F 2 -10.67 2.44 10.24
N ILE F 3 -11.91 2.00 10.50
CA ILE F 3 -13.08 2.69 9.98
C ILE F 3 -13.47 3.69 11.04
N GLU F 4 -13.47 4.97 10.65
CA GLU F 4 -13.70 6.06 11.59
C GLU F 4 -14.69 7.06 11.08
N THR F 5 -15.34 7.67 12.07
CA THR F 5 -16.24 8.77 11.89
C THR F 5 -15.71 9.90 12.72
N HIS F 6 -15.50 11.07 12.09
CA HIS F 6 -15.05 12.24 12.82
C HIS F 6 -16.11 13.30 12.76
N LYS F 7 -16.72 13.62 13.90
CA LYS F 7 -17.82 14.54 13.93
C LYS F 7 -17.21 15.84 14.38
N LEU F 8 -17.66 16.94 13.79
CA LEU F 8 -17.29 18.27 14.19
C LEU F 8 -18.46 18.91 14.95
N THR F 9 -18.20 19.57 16.07
CA THR F 9 -19.24 20.23 16.82
C THR F 9 -18.75 21.63 17.08
N PHE F 10 -19.51 22.65 16.64
CA PHE F 10 -19.13 24.06 16.76
C PHE F 10 -19.68 24.54 18.11
N ARG F 11 -20.07 25.81 18.24
CA ARG F 11 -20.39 26.31 19.58
C ARG F 11 -21.82 26.86 19.68
N GLU F 12 -22.00 28.15 19.35
CA GLU F 12 -23.23 28.88 19.64
C GLU F 12 -24.45 28.12 19.09
N VAL G 6 0.07 -26.71 -4.81
CA VAL G 6 1.13 -27.70 -4.49
C VAL G 6 1.30 -28.76 -5.62
N GLN G 7 0.19 -29.22 -6.24
CA GLN G 7 0.21 -30.22 -7.31
C GLN G 7 -0.27 -29.63 -8.64
N LEU G 8 0.49 -29.82 -9.76
CA LEU G 8 0.07 -29.31 -11.08
C LEU G 8 -0.03 -30.44 -12.11
N GLN G 9 -0.91 -30.26 -13.09
CA GLN G 9 -1.18 -31.28 -14.09
C GLN G 9 -1.18 -30.58 -15.45
N ALA G 10 -0.18 -30.92 -16.27
CA ALA G 10 -0.14 -30.43 -17.66
C ALA G 10 -0.77 -31.42 -18.64
N SER G 11 -1.43 -30.93 -19.69
CA SER G 11 -2.11 -31.78 -20.65
C SER G 11 -2.38 -30.97 -21.91
N GLY G 12 -2.83 -31.68 -22.97
CA GLY G 12 -3.35 -31.05 -24.16
C GLY G 12 -2.42 -31.19 -25.34
N GLY G 13 -1.26 -31.87 -25.13
CA GLY G 13 -0.33 -32.03 -26.22
C GLY G 13 -0.88 -33.03 -27.26
N GLY G 14 -0.11 -33.21 -28.36
CA GLY G 14 -0.57 -33.94 -29.52
C GLY G 14 0.32 -33.71 -30.74
N PHE G 15 -0.13 -34.30 -31.88
CA PHE G 15 0.58 -34.24 -33.11
C PHE G 15 -0.24 -33.31 -34.01
N VAL G 16 0.43 -32.45 -34.80
CA VAL G 16 -0.25 -31.44 -35.63
C VAL G 16 0.62 -31.17 -36.85
N GLN G 17 0.00 -30.62 -37.89
CA GLN G 17 0.66 -30.31 -39.13
C GLN G 17 1.14 -28.87 -39.02
N PRO G 18 2.16 -28.42 -39.79
CA PRO G 18 2.59 -27.02 -39.73
C PRO G 18 1.36 -26.16 -40.00
N GLY G 19 1.14 -25.14 -39.14
CA GLY G 19 0.06 -24.20 -39.31
C GLY G 19 -1.13 -24.51 -38.43
N GLY G 20 -1.10 -25.66 -37.75
CA GLY G 20 -2.18 -26.07 -36.87
C GLY G 20 -2.07 -25.42 -35.50
N SER G 21 -2.93 -25.87 -34.60
CA SER G 21 -3.21 -25.22 -33.33
C SER G 21 -3.34 -26.28 -32.26
N LEU G 22 -2.92 -25.98 -31.04
CA LEU G 22 -3.19 -26.82 -29.88
C LEU G 22 -3.51 -25.92 -28.72
N ARG G 23 -4.28 -26.41 -27.78
CA ARG G 23 -4.36 -25.67 -26.54
C ARG G 23 -3.94 -26.50 -25.35
N LEU G 24 -2.93 -26.01 -24.57
CA LEU G 24 -2.47 -26.73 -23.41
C LEU G 24 -3.19 -26.24 -22.15
N SER G 25 -3.23 -27.11 -21.14
CA SER G 25 -3.85 -26.81 -19.87
C SER G 25 -2.91 -27.16 -18.75
N CYS G 26 -2.96 -26.32 -17.73
CA CYS G 26 -2.17 -26.51 -16.55
C CYS G 26 -3.05 -26.28 -15.34
N ALA G 27 -3.48 -27.40 -14.71
CA ALA G 27 -4.52 -27.39 -13.68
C ALA G 27 -3.88 -27.55 -12.31
N ALA G 28 -4.12 -26.57 -11.41
CA ALA G 28 -3.47 -26.52 -10.11
C ALA G 28 -4.47 -26.98 -9.04
N SER G 29 -3.98 -27.46 -7.86
CA SER G 29 -4.82 -27.92 -6.74
C SER G 29 -5.07 -26.78 -5.74
N GLY G 30 -4.07 -26.40 -4.93
CA GLY G 30 -4.10 -25.18 -4.12
C GLY G 30 -3.43 -24.00 -4.82
N TYR G 31 -2.77 -23.11 -4.06
CA TYR G 31 -2.00 -22.03 -4.65
C TYR G 31 -1.06 -21.42 -3.62
N THR G 32 0.05 -22.12 -3.30
CA THR G 32 1.01 -21.61 -2.32
C THR G 32 1.87 -20.54 -2.98
N SER G 33 2.27 -20.77 -4.24
CA SER G 33 3.10 -19.88 -5.05
C SER G 33 2.82 -18.40 -4.78
N GLY G 34 3.40 -17.86 -3.68
CA GLY G 34 3.29 -16.46 -3.30
C GLY G 34 3.52 -15.54 -4.50
N ASP G 35 4.55 -15.87 -5.31
CA ASP G 35 4.76 -15.36 -6.67
C ASP G 35 3.43 -15.04 -7.37
N GLU G 36 2.58 -16.08 -7.51
CA GLU G 36 1.31 -16.00 -8.21
C GLU G 36 1.63 -15.77 -9.70
N ILE G 37 2.78 -16.34 -10.11
CA ILE G 37 3.15 -16.42 -11.51
C ILE G 37 3.24 -17.90 -11.87
N MET G 38 2.46 -18.26 -12.90
CA MET G 38 2.52 -19.58 -13.47
C MET G 38 3.11 -19.43 -14.87
N GLY G 39 4.06 -20.33 -15.21
CA GLY G 39 4.55 -20.29 -16.57
C GLY G 39 4.69 -21.68 -17.25
N TRP G 40 5.10 -21.59 -18.52
CA TRP G 40 5.39 -22.71 -19.38
C TRP G 40 6.81 -22.61 -19.87
N PHE G 41 7.53 -23.76 -19.90
CA PHE G 41 8.78 -23.87 -20.57
C PHE G 41 8.76 -25.15 -21.42
N ARG G 42 9.68 -25.30 -22.30
CA ARG G 42 9.66 -26.49 -23.17
C ARG G 42 11.10 -26.97 -23.36
N GLN G 43 11.17 -28.28 -23.71
CA GLN G 43 12.47 -28.85 -23.95
C GLN G 43 12.40 -29.85 -25.08
N ALA G 44 13.25 -29.60 -26.06
CA ALA G 44 13.49 -30.51 -27.20
C ALA G 44 14.83 -31.21 -27.09
N PRO G 45 15.01 -32.35 -27.81
CA PRO G 45 16.25 -33.07 -27.75
C PRO G 45 17.37 -32.21 -28.19
N GLY G 46 18.46 -32.27 -27.46
CA GLY G 46 19.70 -31.63 -27.83
C GLY G 46 19.65 -30.11 -27.67
N LYS G 47 18.63 -29.62 -26.92
CA LYS G 47 18.48 -28.19 -26.57
C LYS G 47 18.20 -27.98 -25.08
N GLU G 48 18.69 -26.81 -24.59
CA GLU G 48 18.46 -26.31 -23.25
C GLU G 48 16.98 -25.96 -23.15
N ARG G 49 16.40 -26.19 -21.97
CA ARG G 49 15.03 -25.80 -21.63
C ARG G 49 14.83 -24.36 -22.04
N GLU G 50 13.62 -24.01 -22.48
CA GLU G 50 13.42 -22.71 -23.09
C GLU G 50 12.18 -22.13 -22.39
N PHE G 51 12.19 -20.88 -21.94
CA PHE G 51 10.99 -20.22 -21.47
C PHE G 51 10.07 -20.01 -22.66
N VAL G 52 8.74 -20.25 -22.43
CA VAL G 52 7.74 -19.97 -23.48
C VAL G 52 6.85 -18.78 -23.09
N SER G 53 6.23 -18.85 -21.94
CA SER G 53 5.20 -17.86 -21.54
C SER G 53 4.92 -17.95 -20.05
N ALA G 54 4.38 -16.85 -19.45
CA ALA G 54 4.00 -16.83 -18.09
C ALA G 54 2.92 -15.76 -17.89
N ILE G 55 2.22 -15.97 -16.79
CA ILE G 55 1.08 -15.13 -16.44
C ILE G 55 1.10 -14.93 -14.93
N SER G 56 0.94 -13.66 -14.51
CA SER G 56 0.66 -13.31 -13.13
C SER G 56 -0.64 -12.51 -13.03
N TRP G 57 -1.46 -12.92 -12.05
CA TRP G 57 -2.76 -12.34 -11.69
C TRP G 57 -2.63 -11.57 -10.36
N GLN G 58 -1.37 -11.40 -9.93
CA GLN G 58 -1.00 -10.83 -8.64
C GLN G 58 -0.84 -9.32 -8.81
N SER G 59 -1.93 -8.58 -8.59
CA SER G 59 -2.05 -7.17 -8.93
C SER G 59 -2.20 -6.99 -10.46
N GLY G 60 -3.37 -7.39 -10.97
CA GLY G 60 -3.66 -7.26 -12.38
C GLY G 60 -2.95 -8.35 -13.18
N THR G 61 -3.31 -8.45 -14.47
CA THR G 61 -2.86 -9.56 -15.28
C THR G 61 -1.72 -9.08 -16.17
N SER G 62 -0.47 -9.48 -15.84
CA SER G 62 0.64 -9.32 -16.76
C SER G 62 0.90 -10.68 -17.46
N THR G 63 1.18 -10.62 -18.75
CA THR G 63 1.53 -11.78 -19.54
C THR G 63 2.93 -11.55 -20.12
N TYR G 64 3.62 -12.66 -20.38
CA TYR G 64 5.02 -12.61 -20.81
C TYR G 64 5.21 -13.72 -21.87
N TYR G 65 5.93 -13.46 -22.95
CA TYR G 65 6.15 -14.42 -24.00
C TYR G 65 7.56 -14.32 -24.54
N ALA G 66 8.12 -15.49 -24.91
CA ALA G 66 9.32 -15.49 -25.71
C ALA G 66 9.06 -14.78 -27.00
N ASP G 67 10.09 -14.10 -27.53
CA ASP G 67 9.95 -13.42 -28.77
C ASP G 67 9.45 -14.35 -29.88
N SER G 68 9.95 -15.57 -29.90
CA SER G 68 9.62 -16.44 -31.04
C SER G 68 8.20 -16.98 -30.98
N VAL G 69 7.43 -16.71 -29.91
CA VAL G 69 6.03 -17.14 -29.86
C VAL G 69 5.02 -15.98 -29.77
N LYS G 70 5.52 -14.74 -29.78
CA LYS G 70 4.66 -13.57 -29.60
C LYS G 70 3.67 -13.53 -30.77
N GLY G 71 2.42 -13.21 -30.47
CA GLY G 71 1.37 -13.08 -31.48
C GLY G 71 0.68 -14.42 -31.73
N ARG G 72 1.49 -15.46 -31.97
CA ARG G 72 0.96 -16.78 -32.30
C ARG G 72 0.44 -17.46 -31.04
N PHE G 73 1.07 -17.20 -29.86
CA PHE G 73 0.66 -17.87 -28.64
C PHE G 73 -0.04 -16.91 -27.73
N THR G 74 -1.01 -17.41 -26.97
CA THR G 74 -1.73 -16.62 -25.99
C THR G 74 -1.88 -17.38 -24.68
N ILE G 75 -1.45 -16.77 -23.59
CA ILE G 75 -1.58 -17.37 -22.28
C ILE G 75 -2.75 -16.75 -21.53
N SER G 76 -3.52 -17.58 -20.79
CA SER G 76 -4.70 -17.09 -20.04
C SER G 76 -4.85 -17.88 -18.75
N ARG G 77 -5.60 -17.32 -17.82
CA ARG G 77 -5.87 -17.97 -16.56
C ARG G 77 -7.37 -17.89 -16.20
N ASP G 78 -7.96 -19.02 -15.79
CA ASP G 78 -9.28 -18.99 -15.16
C ASP G 78 -9.21 -19.26 -13.67
N ASN G 79 -9.43 -18.20 -12.88
CA ASN G 79 -9.14 -18.20 -11.46
C ASN G 79 -10.14 -19.14 -10.80
N SER G 80 -11.32 -19.22 -11.39
CA SER G 80 -12.37 -20.08 -10.84
C SER G 80 -12.01 -21.54 -11.00
N LYS G 81 -11.14 -21.90 -11.96
CA LYS G 81 -10.73 -23.29 -12.10
C LYS G 81 -9.26 -23.49 -11.70
N ASN G 82 -8.64 -22.46 -11.17
CA ASN G 82 -7.21 -22.48 -10.88
C ASN G 82 -6.42 -23.15 -12.01
N THR G 83 -6.77 -22.82 -13.25
CA THR G 83 -6.16 -23.45 -14.43
C THR G 83 -5.53 -22.36 -15.27
N VAL G 84 -4.34 -22.65 -15.86
CA VAL G 84 -3.75 -21.78 -16.86
C VAL G 84 -3.79 -22.44 -18.24
N TYR G 85 -4.04 -21.68 -19.32
CA TYR G 85 -4.06 -22.26 -20.63
C TYR G 85 -3.02 -21.60 -21.55
N LEU G 86 -2.55 -22.32 -22.53
CA LEU G 86 -1.60 -21.81 -23.53
C LEU G 86 -2.20 -22.22 -24.86
N GLN G 87 -2.71 -21.23 -25.60
CA GLN G 87 -3.24 -21.46 -26.94
C GLN G 87 -2.15 -21.18 -27.93
N MET G 88 -1.72 -22.25 -28.59
CA MET G 88 -0.62 -22.20 -29.55
C MET G 88 -1.21 -22.24 -30.96
N ASN G 89 -1.09 -21.16 -31.74
CA ASN G 89 -1.49 -21.16 -33.16
C ASN G 89 -0.24 -21.10 -34.06
N SER G 90 -0.47 -21.35 -35.35
CA SER G 90 0.55 -21.29 -36.37
C SER G 90 1.79 -22.05 -35.94
N LEU G 91 1.55 -23.28 -35.45
CA LEU G 91 2.64 -24.13 -35.02
C LEU G 91 3.58 -24.44 -36.18
N ARG G 92 4.86 -24.54 -35.86
CA ARG G 92 5.91 -24.83 -36.81
C ARG G 92 6.95 -25.77 -36.17
N ALA G 93 7.93 -26.23 -36.97
CA ALA G 93 8.81 -27.33 -36.56
C ALA G 93 9.59 -26.96 -35.30
N GLU G 94 9.93 -25.69 -35.18
CA GLU G 94 10.66 -25.18 -34.03
C GLU G 94 9.89 -25.35 -32.74
N ASP G 95 8.56 -25.57 -32.79
CA ASP G 95 7.70 -25.71 -31.66
C ASP G 95 7.62 -27.12 -31.11
N THR G 96 8.20 -28.10 -31.83
CA THR G 96 8.20 -29.49 -31.38
C THR G 96 9.06 -29.59 -30.12
N ALA G 97 8.42 -30.05 -29.10
CA ALA G 97 9.08 -30.19 -27.78
C ALA G 97 8.12 -30.75 -26.73
N THR G 98 8.63 -31.00 -25.48
CA THR G 98 7.86 -31.32 -24.31
C THR G 98 7.61 -30.04 -23.54
N TYR G 99 6.35 -29.79 -23.28
CA TYR G 99 5.88 -28.54 -22.66
C TYR G 99 5.54 -28.80 -21.20
N TYR G 100 6.13 -27.99 -20.29
CA TYR G 100 5.99 -28.15 -18.85
C TYR G 100 5.44 -26.87 -18.21
N CYS G 101 4.58 -27.01 -17.20
CA CYS G 101 4.11 -25.85 -16.47
C CYS G 101 4.67 -25.86 -15.07
N ALA G 102 4.99 -24.68 -14.54
CA ALA G 102 5.44 -24.61 -13.17
C ALA G 102 5.22 -23.22 -12.66
N PRO G 103 5.15 -23.06 -11.33
CA PRO G 103 5.27 -21.75 -10.72
C PRO G 103 6.67 -21.19 -10.95
N MET G 104 6.75 -19.90 -11.34
CA MET G 104 8.00 -19.19 -11.57
C MET G 104 8.02 -17.97 -10.68
N THR G 105 9.24 -17.56 -10.32
CA THR G 105 9.47 -16.26 -9.70
C THR G 105 10.21 -15.44 -10.71
N LEU G 106 9.76 -14.18 -10.92
CA LEU G 106 10.54 -13.27 -11.74
C LEU G 106 11.52 -12.68 -10.76
N ALA G 107 12.74 -13.15 -10.82
CA ALA G 107 13.78 -12.75 -9.87
C ALA G 107 14.25 -11.31 -10.15
N GLU G 108 14.44 -10.96 -11.40
CA GLU G 108 14.97 -9.66 -11.74
C GLU G 108 14.69 -9.39 -13.19
N THR G 109 14.48 -8.12 -13.55
CA THR G 109 14.24 -7.74 -14.92
C THR G 109 15.22 -6.59 -15.22
N TYR G 110 15.92 -6.70 -16.32
CA TYR G 110 16.94 -5.75 -16.76
C TYR G 110 16.40 -5.05 -18.01
N TYR G 111 16.26 -3.69 -17.99
CA TYR G 111 15.82 -2.89 -19.14
C TYR G 111 16.98 -2.03 -19.63
N GLU G 112 17.22 -2.04 -20.94
CA GLU G 112 18.26 -1.29 -21.63
C GLU G 112 17.52 -0.24 -22.44
N TRP G 113 17.70 1.05 -22.01
CA TRP G 113 17.08 2.21 -22.62
C TRP G 113 18.14 2.96 -23.43
N LEU G 114 17.76 3.27 -24.67
CA LEU G 114 18.59 4.05 -25.56
C LEU G 114 17.97 5.43 -25.70
N ILE G 115 18.88 6.39 -25.63
CA ILE G 115 18.56 7.74 -26.05
C ILE G 115 19.53 8.22 -27.13
N SER G 116 18.98 8.78 -28.23
CA SER G 116 19.69 9.38 -29.35
C SER G 116 19.32 10.85 -29.44
N GLY G 117 20.33 11.72 -29.34
CA GLY G 117 20.11 13.15 -29.57
C GLY G 117 19.94 13.91 -28.25
N TYR G 118 19.85 15.24 -28.32
CA TYR G 118 19.69 16.14 -27.16
C TYR G 118 18.30 16.77 -27.18
N TRP G 119 17.62 16.76 -26.03
CA TRP G 119 16.20 17.08 -26.09
C TRP G 119 15.83 18.27 -25.21
N GLY G 120 16.83 18.96 -24.65
CA GLY G 120 16.59 20.22 -23.97
C GLY G 120 17.05 20.22 -22.50
N GLN G 121 17.13 21.42 -21.92
CA GLN G 121 17.57 21.63 -20.56
C GLN G 121 16.61 20.84 -19.64
N GLY G 122 17.12 20.31 -18.53
CA GLY G 122 16.24 19.68 -17.55
C GLY G 122 15.74 20.71 -16.53
N THR G 123 15.16 20.24 -15.42
CA THR G 123 14.59 21.12 -14.41
C THR G 123 15.16 20.67 -13.07
N GLN G 124 15.65 21.62 -12.28
CA GLN G 124 16.37 21.32 -11.06
C GLN G 124 15.32 21.06 -9.98
N VAL G 125 15.58 19.96 -9.26
CA VAL G 125 14.85 19.58 -8.07
C VAL G 125 15.81 19.48 -6.90
N THR G 126 15.52 20.19 -5.76
CA THR G 126 16.33 20.11 -4.57
C THR G 126 15.37 19.82 -3.41
N VAL G 127 15.68 18.74 -2.71
CA VAL G 127 14.86 18.30 -1.60
C VAL G 127 15.69 18.42 -0.33
N SER G 128 15.28 19.33 0.56
CA SER G 128 16.10 19.56 1.73
C SER G 128 15.26 20.19 2.83
N SER G 129 15.69 19.96 4.10
CA SER G 129 15.14 20.73 5.23
C SER G 129 15.35 22.23 5.11
N ALA G 130 16.23 22.68 4.23
CA ALA G 130 16.45 24.12 4.14
C ALA G 130 15.43 24.80 3.26
N ALA G 131 14.50 24.07 2.60
CA ALA G 131 13.52 24.68 1.71
C ALA G 131 12.47 25.55 2.44
N LYS H 2 8.54 -6.25 -10.72
CA LYS H 2 8.70 -5.59 -9.41
C LYS H 2 10.20 -5.40 -9.09
N ILE H 3 11.10 -6.42 -9.18
CA ILE H 3 12.54 -6.12 -8.92
C ILE H 3 13.32 -5.82 -10.20
N GLU H 4 13.83 -4.57 -10.38
CA GLU H 4 14.16 -4.11 -11.71
C GLU H 4 15.40 -3.24 -11.73
N THR H 5 16.15 -3.40 -12.82
CA THR H 5 17.38 -2.68 -13.07
C THR H 5 17.25 -2.03 -14.42
N HIS H 6 17.37 -0.70 -14.49
CA HIS H 6 17.15 0.09 -15.65
C HIS H 6 18.44 0.80 -15.94
N LYS H 7 18.97 0.58 -17.15
CA LYS H 7 20.25 1.17 -17.49
C LYS H 7 20.01 2.02 -18.71
N LEU H 8 20.79 3.13 -18.84
CA LEU H 8 20.65 4.03 -19.94
C LEU H 8 21.87 3.96 -20.87
N THR H 9 21.66 4.06 -22.18
CA THR H 9 22.81 4.13 -23.09
C THR H 9 22.51 5.28 -23.99
N PHE H 10 23.52 6.17 -24.18
CA PHE H 10 23.29 7.37 -24.97
C PHE H 10 24.07 7.25 -26.30
N ARG H 11 23.46 7.66 -27.44
CA ARG H 11 24.15 7.77 -28.73
C ARG H 11 24.28 9.23 -29.19
N GLU H 12 25.48 9.48 -29.77
CA GLU H 12 25.98 10.71 -30.40
C GLU H 12 25.76 11.93 -29.49
#